data_2OFV
#
_entry.id   2OFV
#
_cell.length_a   142.66
_cell.length_b   66.89
_cell.length_c   78.51
_cell.angle_alpha   90
_cell.angle_beta   112.00
_cell.angle_gamma   90
#
_symmetry.space_group_name_H-M   'C 1 2 1'
#
loop_
_entity.id
_entity.type
_entity.pdbx_description
1 polymer 'Proto-oncogene tyrosine-protein kinase LCK'
2 non-polymer 3-(2-AMINOQUINAZOLIN-6-YL)-4-METHYL-N-[3-(TRIFLUOROMETHYL)PHENYL]BENZAMIDE
3 water water
#
_entity_poly.entity_id   1
_entity_poly.type   'polypeptide(L)'
_entity_poly.pdbx_seq_one_letter_code
;TQKPQKPWWEDEWEVPRETLKLVERLGAGQFGEVWMGYYNGHTKVAVKSLKQGSMSPDAFLAEANLMKQLQHQRLVRLYA
VVTQEPIYIITEYMENGSLVDFLKTPSGIKLTINKLLDMAAQIAEGMAFIEERNYIHRDLRAANILVSDTLSCKIADFGL
ARLIEDNEYTAREGAKFPIKWTAPEAINYGTFTIKSDVWSFGILLTEIVTHGRIPYPGMTNPEVIQNLERGYRMVRPDNC
PEELYQLMRLCWKERPEDRPTFDYLRSVLEDFFTATE
;
_entity_poly.pdbx_strand_id   A,B
#
loop_
_chem_comp.id
_chem_comp.type
_chem_comp.name
_chem_comp.formula
242 non-polymer 3-(2-AMINOQUINAZOLIN-6-YL)-4-METHYL-N-[3-(TRIFLUOROMETHYL)PHENYL]BENZAMIDE 'C23 H17 F3 N4 O'
#
# COMPACT_ATOMS: atom_id res chain seq x y z
N LYS A 6 2.78 17.64 16.16
CA LYS A 6 2.07 17.85 17.47
C LYS A 6 1.69 16.50 18.11
N PRO A 7 0.79 15.74 17.47
CA PRO A 7 0.44 14.44 18.10
C PRO A 7 1.65 13.49 18.18
N TRP A 8 1.69 12.60 19.20
CA TRP A 8 2.83 11.67 19.46
C TRP A 8 2.96 10.67 18.35
N TRP A 9 1.83 10.42 17.67
CA TRP A 9 1.79 9.45 16.57
C TRP A 9 2.11 9.93 15.18
N GLU A 10 2.30 11.23 15.11
CA GLU A 10 2.58 11.81 13.81
C GLU A 10 3.97 11.41 13.30
N ASP A 11 4.09 11.20 11.99
CA ASP A 11 5.38 10.85 11.37
C ASP A 11 6.22 12.09 11.38
N GLU A 12 7.45 12.00 11.87
CA GLU A 12 8.31 13.19 11.81
C GLU A 12 9.25 13.04 10.61
N TRP A 13 8.88 13.71 9.52
CA TRP A 13 9.65 13.65 8.29
C TRP A 13 10.74 14.71 8.10
N GLU A 14 10.97 15.56 9.11
CA GLU A 14 11.98 16.60 9.01
C GLU A 14 13.37 16.21 9.50
N VAL A 15 14.34 16.98 9.05
CA VAL A 15 15.73 16.80 9.46
C VAL A 15 16.32 18.20 9.36
N PRO A 16 17.28 18.52 10.24
CA PRO A 16 17.91 19.85 10.22
C PRO A 16 18.72 19.99 8.94
N ARG A 17 18.68 21.17 8.33
CA ARG A 17 19.44 21.40 7.11
C ARG A 17 20.93 21.06 7.30
N GLU A 18 21.42 21.23 8.53
CA GLU A 18 22.81 20.98 8.89
C GLU A 18 23.28 19.53 8.63
N THR A 19 22.36 18.59 8.70
CA THR A 19 22.69 17.19 8.50
C THR A 19 22.88 16.81 7.04
N LEU A 20 22.71 17.77 6.13
CA LEU A 20 22.87 17.46 4.72
C LEU A 20 24.09 18.09 4.11
N LYS A 21 24.72 17.36 3.20
CA LYS A 21 25.91 17.84 2.50
C LYS A 21 25.69 17.59 1.02
N LEU A 22 25.46 18.67 0.27
CA LEU A 22 25.26 18.58 -1.17
C LEU A 22 26.64 18.44 -1.83
N VAL A 23 26.82 17.36 -2.57
CA VAL A 23 28.10 17.09 -3.21
C VAL A 23 28.16 17.36 -4.72
N GLU A 24 27.19 16.83 -5.47
CA GLU A 24 27.18 17.00 -6.91
C GLU A 24 25.81 17.41 -7.44
N ARG A 25 25.75 18.51 -8.20
CA ARG A 25 24.47 18.97 -8.76
C ARG A 25 24.15 18.05 -9.94
N LEU A 26 22.95 17.46 -9.93
CA LEU A 26 22.54 16.54 -10.98
C LEU A 26 21.68 17.23 -12.03
N GLY A 27 21.11 18.35 -11.65
CA GLY A 27 20.27 19.07 -12.58
C GLY A 27 19.83 20.40 -12.00
N ALA A 28 19.37 21.28 -12.88
CA ALA A 28 18.93 22.61 -12.48
C ALA A 28 17.78 23.04 -13.39
N GLY A 29 16.81 23.73 -12.80
CA GLY A 29 15.68 24.20 -13.57
C GLY A 29 15.21 25.54 -13.06
N GLN A 30 14.08 26.00 -13.58
CA GLN A 30 13.53 27.27 -13.17
C GLN A 30 13.13 27.29 -11.70
N PHE A 31 12.66 26.16 -11.18
CA PHE A 31 12.24 26.15 -9.78
C PHE A 31 13.20 25.58 -8.76
N GLY A 32 14.42 25.30 -9.19
CA GLY A 32 15.38 24.76 -8.25
C GLY A 32 16.50 23.91 -8.83
N GLU A 33 17.06 23.06 -7.96
CA GLU A 33 18.16 22.18 -8.35
C GLU A 33 17.97 20.77 -7.80
N VAL A 34 18.73 19.83 -8.35
CA VAL A 34 18.70 18.45 -7.90
C VAL A 34 20.15 18.05 -7.62
N TRP A 35 20.39 17.51 -6.42
CA TRP A 35 21.75 17.13 -6.03
C TRP A 35 21.88 15.75 -5.45
N MET A 36 23.11 15.24 -5.50
CA MET A 36 23.46 13.96 -4.91
C MET A 36 24.20 14.45 -3.66
N GLY A 37 23.85 13.91 -2.49
CA GLY A 37 24.50 14.36 -1.29
C GLY A 37 24.49 13.31 -0.22
N TYR A 38 24.78 13.74 1.01
CA TYR A 38 24.81 12.83 2.14
C TYR A 38 24.11 13.36 3.38
N TYR A 39 23.39 12.46 4.04
CA TYR A 39 22.68 12.80 5.26
C TYR A 39 23.49 12.25 6.40
N ASN A 40 23.81 13.10 7.37
CA ASN A 40 24.57 12.70 8.53
C ASN A 40 25.88 11.99 8.20
N GLY A 41 26.61 12.53 7.22
CA GLY A 41 27.89 11.97 6.85
C GLY A 41 27.99 10.68 6.04
N HIS A 42 27.14 9.69 6.32
CA HIS A 42 27.30 8.45 5.58
C HIS A 42 26.11 7.82 4.86
N THR A 43 24.97 8.50 4.78
CA THR A 43 23.85 7.92 4.05
C THR A 43 23.70 8.72 2.76
N LYS A 44 23.88 8.06 1.62
CA LYS A 44 23.79 8.74 0.33
C LYS A 44 22.33 9.01 -0.03
N VAL A 45 22.05 10.24 -0.46
CA VAL A 45 20.69 10.64 -0.83
C VAL A 45 20.64 11.62 -1.99
N ALA A 46 19.44 11.80 -2.52
CA ALA A 46 19.20 12.73 -3.61
C ALA A 46 18.42 13.85 -2.96
N VAL A 47 18.74 15.10 -3.33
CA VAL A 47 18.08 16.25 -2.74
C VAL A 47 17.61 17.25 -3.77
N LYS A 48 16.36 17.67 -3.64
CA LYS A 48 15.80 18.64 -4.56
C LYS A 48 15.64 19.93 -3.77
N SER A 49 16.39 20.94 -4.15
CA SER A 49 16.33 22.24 -3.50
C SER A 49 15.39 23.14 -4.28
N LEU A 50 14.40 23.71 -3.60
CA LEU A 50 13.43 24.55 -4.26
C LEU A 50 13.65 26.05 -4.02
N LYS A 51 13.97 26.72 -5.12
CA LYS A 51 14.24 28.16 -5.17
C LYS A 51 13.20 28.96 -4.40
N GLN A 52 13.61 29.59 -3.31
CA GLN A 52 12.68 30.38 -2.51
C GLN A 52 12.51 31.80 -3.04
N GLY A 53 11.27 32.15 -3.34
CA GLY A 53 10.98 33.49 -3.85
C GLY A 53 11.16 33.61 -5.35
N LEU A 61 6.63 21.60 -1.75
CA LEU A 61 6.26 21.30 -0.35
C LEU A 61 5.01 20.45 -0.36
N ALA A 62 4.05 20.82 -1.21
CA ALA A 62 2.86 20.02 -1.34
C ALA A 62 3.34 18.79 -2.11
N GLU A 63 4.54 18.93 -2.68
CA GLU A 63 5.14 17.85 -3.46
C GLU A 63 5.51 16.69 -2.56
N ALA A 64 6.06 16.99 -1.39
CA ALA A 64 6.45 15.98 -0.44
C ALA A 64 5.21 15.18 0.03
N ASN A 65 4.14 15.88 0.41
CA ASN A 65 2.93 15.18 0.86
C ASN A 65 2.41 14.32 -0.30
N LEU A 66 2.50 14.86 -1.52
CA LEU A 66 2.05 14.13 -2.70
C LEU A 66 2.86 12.84 -2.81
N MET A 67 4.18 12.96 -2.76
CA MET A 67 5.06 11.80 -2.87
C MET A 67 4.71 10.74 -1.83
N LYS A 68 4.48 11.19 -0.60
CA LYS A 68 4.12 10.28 0.48
C LYS A 68 2.82 9.57 0.14
N GLN A 69 1.84 10.29 -0.39
CA GLN A 69 0.57 9.66 -0.71
C GLN A 69 0.62 8.79 -1.96
N LEU A 70 1.64 8.96 -2.79
CA LEU A 70 1.77 8.12 -3.98
C LEU A 70 2.77 6.99 -3.74
N GLN A 71 3.23 6.89 -2.49
CA GLN A 71 4.20 5.85 -2.12
C GLN A 71 3.85 4.55 -2.80
N HIS A 72 4.77 4.06 -3.63
CA HIS A 72 4.51 2.83 -4.36
C HIS A 72 5.81 2.19 -4.82
N GLN A 73 5.76 0.88 -5.07
CA GLN A 73 6.93 0.16 -5.54
C GLN A 73 7.48 0.74 -6.85
N ARG A 74 6.58 1.32 -7.63
CA ARG A 74 6.95 1.90 -8.94
C ARG A 74 7.21 3.43 -8.99
N LEU A 75 7.26 4.05 -7.82
CA LEU A 75 7.51 5.48 -7.71
C LEU A 75 8.66 5.75 -6.76
N VAL A 76 9.45 6.79 -7.04
CA VAL A 76 10.59 7.11 -6.21
C VAL A 76 10.13 7.33 -4.77
N ARG A 77 10.92 6.82 -3.83
CA ARG A 77 10.63 6.87 -2.39
C ARG A 77 11.09 8.14 -1.66
N LEU A 78 10.14 8.82 -1.03
CA LEU A 78 10.41 10.02 -0.25
C LEU A 78 11.08 9.61 1.06
N TYR A 79 12.13 10.32 1.46
CA TYR A 79 12.82 10.04 2.71
C TYR A 79 12.48 11.09 3.76
N ALA A 80 12.73 12.34 3.42
CA ALA A 80 12.50 13.43 4.36
C ALA A 80 12.40 14.80 3.68
N VAL A 81 12.35 15.83 4.50
CA VAL A 81 12.25 17.21 4.04
C VAL A 81 12.90 18.18 5.03
N VAL A 82 13.25 19.36 4.54
CA VAL A 82 13.81 20.44 5.35
C VAL A 82 12.74 21.53 5.21
N THR A 83 12.10 21.87 6.33
CA THR A 83 11.00 22.83 6.38
C THR A 83 11.27 24.30 6.06
N GLN A 84 12.45 24.79 6.37
CA GLN A 84 12.75 26.19 6.09
C GLN A 84 13.25 26.36 4.67
N GLU A 85 12.91 27.48 4.05
CA GLU A 85 13.37 27.72 2.69
C GLU A 85 14.88 28.03 2.76
N PRO A 86 15.64 27.61 1.74
CA PRO A 86 15.14 26.86 0.59
C PRO A 86 14.66 25.47 1.00
N ILE A 87 13.42 25.15 0.63
CA ILE A 87 12.84 23.85 0.94
C ILE A 87 13.64 22.72 0.28
N TYR A 88 13.88 21.66 1.04
CA TYR A 88 14.59 20.49 0.52
C TYR A 88 13.65 19.29 0.56
N ILE A 89 13.70 18.48 -0.48
CA ILE A 89 12.91 17.26 -0.49
C ILE A 89 13.94 16.18 -0.70
N ILE A 90 14.07 15.31 0.29
CA ILE A 90 15.06 14.25 0.23
C ILE A 90 14.47 12.88 -0.16
N THR A 91 15.21 12.14 -0.98
CA THR A 91 14.76 10.82 -1.41
C THR A 91 15.94 9.87 -1.53
N GLU A 92 15.63 8.64 -1.91
CA GLU A 92 16.63 7.61 -2.13
C GLU A 92 17.45 8.09 -3.32
N TYR A 93 18.69 7.66 -3.42
CA TYR A 93 19.55 8.04 -4.54
C TYR A 93 19.77 6.84 -5.42
N MET A 94 19.63 7.00 -6.73
CA MET A 94 19.81 5.89 -7.66
C MET A 94 21.12 5.96 -8.41
N GLU A 95 21.99 4.98 -8.18
CA GLU A 95 23.28 4.96 -8.86
C GLU A 95 23.13 4.92 -10.37
N ASN A 96 22.16 4.15 -10.84
CA ASN A 96 21.92 4.01 -12.27
C ASN A 96 21.27 5.22 -12.96
N GLY A 97 20.84 6.19 -12.16
CA GLY A 97 20.25 7.40 -12.69
C GLY A 97 18.95 7.26 -13.47
N SER A 98 18.79 8.10 -14.48
CA SER A 98 17.59 8.11 -15.30
C SER A 98 17.58 7.02 -16.36
N LEU A 99 16.38 6.64 -16.78
CA LEU A 99 16.22 5.61 -17.79
C LEU A 99 16.91 5.97 -19.11
N VAL A 100 16.79 7.21 -19.53
CA VAL A 100 17.39 7.64 -20.79
C VAL A 100 18.89 7.44 -20.73
N ASP A 101 19.50 7.88 -19.64
CA ASP A 101 20.93 7.75 -19.48
C ASP A 101 21.38 6.29 -19.33
N PHE A 102 20.59 5.49 -18.62
CA PHE A 102 20.92 4.09 -18.44
C PHE A 102 20.78 3.26 -19.71
N LEU A 103 19.83 3.63 -20.58
CA LEU A 103 19.64 2.88 -21.81
C LEU A 103 20.85 3.03 -22.73
N LYS A 104 21.59 4.10 -22.53
CA LYS A 104 22.77 4.39 -23.35
C LYS A 104 24.06 3.79 -22.79
N THR A 105 23.97 3.14 -21.65
CA THR A 105 25.15 2.52 -21.07
C THR A 105 25.33 1.18 -21.74
N PRO A 106 26.55 0.62 -21.70
CA PRO A 106 26.76 -0.68 -22.33
C PRO A 106 25.74 -1.70 -21.85
N SER A 107 25.49 -1.72 -20.55
CA SER A 107 24.55 -2.67 -19.99
C SER A 107 23.16 -2.45 -20.61
N GLY A 108 22.77 -1.19 -20.76
CA GLY A 108 21.47 -0.85 -21.32
C GLY A 108 21.36 -1.05 -22.82
N ILE A 109 22.43 -0.72 -23.56
CA ILE A 109 22.38 -0.87 -25.02
C ILE A 109 22.11 -2.32 -25.41
N LYS A 110 22.48 -3.25 -24.53
CA LYS A 110 22.31 -4.68 -24.76
C LYS A 110 21.01 -5.35 -24.31
N LEU A 111 20.16 -4.63 -23.61
CA LEU A 111 18.91 -5.22 -23.15
C LEU A 111 18.07 -5.70 -24.32
N THR A 112 17.47 -6.87 -24.16
CA THR A 112 16.61 -7.42 -25.21
C THR A 112 15.24 -6.75 -25.11
N ILE A 113 14.48 -6.82 -26.20
CA ILE A 113 13.14 -6.23 -26.23
C ILE A 113 12.28 -6.84 -25.10
N ASN A 114 12.56 -8.08 -24.74
CA ASN A 114 11.82 -8.75 -23.66
C ASN A 114 12.02 -7.99 -22.34
N LYS A 115 13.27 -7.72 -21.99
CA LYS A 115 13.55 -6.98 -20.76
C LYS A 115 13.03 -5.55 -20.86
N LEU A 116 13.20 -4.93 -22.03
CA LEU A 116 12.74 -3.57 -22.22
C LEU A 116 11.24 -3.44 -21.99
N LEU A 117 10.48 -4.43 -22.44
CA LEU A 117 9.04 -4.37 -22.26
C LEU A 117 8.64 -4.65 -20.82
N ASP A 118 9.49 -5.36 -20.08
CA ASP A 118 9.18 -5.62 -18.69
C ASP A 118 9.29 -4.25 -17.99
N MET A 119 10.32 -3.49 -18.36
CA MET A 119 10.50 -2.16 -17.76
C MET A 119 9.33 -1.25 -18.12
N ALA A 120 8.86 -1.35 -19.37
CA ALA A 120 7.73 -0.54 -19.82
C ALA A 120 6.51 -0.93 -18.98
N ALA A 121 6.38 -2.23 -18.74
CA ALA A 121 5.29 -2.79 -17.94
C ALA A 121 5.31 -2.19 -16.53
N GLN A 122 6.51 -2.08 -15.96
CA GLN A 122 6.66 -1.54 -14.62
C GLN A 122 6.17 -0.09 -14.60
N ILE A 123 6.57 0.66 -15.62
CA ILE A 123 6.19 2.05 -15.72
C ILE A 123 4.66 2.14 -15.84
N ALA A 124 4.08 1.29 -16.69
CA ALA A 124 2.65 1.27 -16.88
C ALA A 124 1.96 0.97 -15.56
N GLU A 125 2.57 0.10 -14.76
CA GLU A 125 2.02 -0.28 -13.47
C GLU A 125 1.94 0.94 -12.55
N GLY A 126 3.01 1.73 -12.53
CA GLY A 126 3.02 2.92 -11.71
C GLY A 126 2.00 3.95 -12.14
N MET A 127 1.93 4.20 -13.45
CA MET A 127 0.98 5.17 -14.00
C MET A 127 -0.46 4.73 -13.76
N ALA A 128 -0.65 3.41 -13.64
CA ALA A 128 -1.96 2.84 -13.38
C ALA A 128 -2.36 3.23 -11.96
N PHE A 129 -1.37 3.29 -11.07
CA PHE A 129 -1.59 3.65 -9.68
C PHE A 129 -1.90 5.16 -9.63
N ILE A 130 -1.10 5.95 -10.33
CA ILE A 130 -1.31 7.38 -10.39
C ILE A 130 -2.72 7.66 -10.89
N GLU A 131 -3.14 6.89 -11.88
CA GLU A 131 -4.48 7.04 -12.43
C GLU A 131 -5.53 6.61 -11.38
N GLU A 132 -5.21 5.56 -10.63
CA GLU A 132 -6.10 5.03 -9.59
C GLU A 132 -6.37 6.11 -8.55
N ARG A 133 -5.28 6.79 -8.21
CA ARG A 133 -5.30 7.85 -7.21
C ARG A 133 -5.71 9.23 -7.76
N ASN A 134 -6.24 9.19 -8.95
CA ASN A 134 -6.60 10.39 -9.61
C ASN A 134 -5.56 11.56 -9.68
N TYR A 135 -4.34 11.25 -10.06
CA TYR A 135 -3.34 12.30 -10.17
C TYR A 135 -2.97 12.32 -11.65
N ILE A 136 -2.25 13.36 -12.03
CA ILE A 136 -1.79 13.52 -13.40
C ILE A 136 -0.32 13.90 -13.37
N HIS A 137 0.49 13.06 -14.02
CA HIS A 137 1.93 13.29 -14.04
C HIS A 137 2.34 14.58 -14.74
N ARG A 138 1.96 14.72 -16.00
CA ARG A 138 2.28 15.91 -16.79
C ARG A 138 3.65 15.99 -17.45
N ASP A 139 4.61 15.20 -16.98
CA ASP A 139 5.94 15.23 -17.58
C ASP A 139 6.51 13.83 -17.67
N LEU A 140 5.69 12.92 -18.16
CA LEU A 140 6.15 11.56 -18.32
C LEU A 140 7.09 11.42 -19.53
N ARG A 141 8.26 10.83 -19.30
CA ARG A 141 9.28 10.62 -20.33
C ARG A 141 10.43 9.88 -19.67
N ALA A 142 11.26 9.22 -20.47
CA ALA A 142 12.35 8.41 -19.95
C ALA A 142 13.24 9.20 -19.02
N ALA A 143 13.42 10.48 -19.32
CA ALA A 143 14.27 11.33 -18.51
C ALA A 143 13.79 11.41 -17.04
N ASN A 144 12.48 11.33 -16.82
CA ASN A 144 11.91 11.37 -15.47
C ASN A 144 11.73 9.98 -14.82
N ILE A 145 12.23 8.94 -15.48
CA ILE A 145 12.14 7.59 -14.95
C ILE A 145 13.50 7.21 -14.33
N LEU A 146 13.50 6.74 -13.08
CA LEU A 146 14.72 6.32 -12.40
C LEU A 146 14.87 4.81 -12.41
N VAL A 147 16.11 4.34 -12.50
CA VAL A 147 16.39 2.92 -12.54
C VAL A 147 16.99 2.50 -11.20
N SER A 148 16.34 1.53 -10.56
CA SER A 148 16.77 1.04 -9.24
C SER A 148 18.03 0.18 -9.27
N ASP A 149 18.43 -0.28 -8.09
CA ASP A 149 19.63 -1.11 -7.96
C ASP A 149 19.44 -2.44 -8.68
N THR A 150 18.20 -2.88 -8.84
CA THR A 150 17.94 -4.16 -9.49
C THR A 150 17.40 -3.96 -10.92
N LEU A 151 17.65 -2.77 -11.45
CA LEU A 151 17.21 -2.38 -12.79
C LEU A 151 15.70 -2.32 -13.00
N SER A 152 14.96 -1.95 -11.96
CA SER A 152 13.51 -1.79 -12.06
C SER A 152 13.23 -0.30 -12.23
N CYS A 153 12.06 0.06 -12.76
CA CYS A 153 11.74 1.45 -12.99
C CYS A 153 10.92 2.12 -11.89
N LYS A 154 11.21 3.37 -11.66
CA LYS A 154 10.48 4.14 -10.66
C LYS A 154 10.12 5.49 -11.24
N ILE A 155 8.84 5.79 -11.24
CA ILE A 155 8.36 7.04 -11.77
C ILE A 155 8.84 8.18 -10.87
N ALA A 156 9.19 9.29 -11.52
CA ALA A 156 9.68 10.47 -10.83
C ALA A 156 9.32 11.73 -11.60
N ASP A 157 9.69 12.88 -11.04
CA ASP A 157 9.43 14.17 -11.66
C ASP A 157 10.45 15.16 -11.09
N PHE A 158 11.44 15.51 -11.90
CA PHE A 158 12.49 16.42 -11.45
C PHE A 158 13.05 17.33 -12.54
N GLY A 159 12.22 17.64 -13.54
CA GLY A 159 12.64 18.51 -14.62
C GLY A 159 12.80 19.92 -14.09
N LEU A 160 12.16 20.18 -12.94
CA LEU A 160 12.23 21.48 -12.29
C LEU A 160 11.80 22.60 -13.22
N ALA A 161 11.13 22.24 -14.31
CA ALA A 161 10.67 23.26 -15.24
C ALA A 161 9.30 23.73 -14.80
N ILE A 179 6.33 20.29 -26.64
CA ILE A 179 7.40 19.32 -26.52
C ILE A 179 7.07 18.02 -27.23
N LYS A 180 8.11 17.25 -27.50
CA LYS A 180 8.00 15.99 -28.19
C LYS A 180 7.26 14.91 -27.42
N TRP A 181 6.97 15.18 -26.15
CA TRP A 181 6.25 14.22 -25.30
C TRP A 181 4.83 14.70 -24.92
N THR A 182 4.46 15.89 -25.39
CA THR A 182 3.18 16.46 -25.01
C THR A 182 2.03 16.27 -25.99
N ALA A 183 0.88 15.87 -25.46
CA ALA A 183 -0.30 15.66 -26.29
C ALA A 183 -0.74 16.96 -26.98
N PRO A 184 -1.37 16.82 -28.16
CA PRO A 184 -1.84 17.96 -28.95
C PRO A 184 -2.74 18.91 -28.17
N GLU A 185 -3.66 18.35 -27.41
CA GLU A 185 -4.58 19.16 -26.62
C GLU A 185 -3.85 19.96 -25.55
N ALA A 186 -2.76 19.38 -25.04
CA ALA A 186 -1.95 20.04 -24.03
C ALA A 186 -1.14 21.15 -24.68
N ILE A 187 -0.62 20.89 -25.88
CA ILE A 187 0.14 21.90 -26.60
C ILE A 187 -0.78 23.07 -26.99
N ASN A 188 -1.92 22.77 -27.60
CA ASN A 188 -2.88 23.77 -28.08
C ASN A 188 -3.70 24.52 -27.05
N TYR A 189 -4.17 23.83 -26.03
CA TYR A 189 -5.00 24.47 -25.02
C TYR A 189 -4.57 24.28 -23.58
N GLY A 190 -3.41 23.69 -23.34
CA GLY A 190 -2.94 23.49 -21.98
C GLY A 190 -3.86 22.62 -21.13
N THR A 191 -4.62 21.74 -21.78
CA THR A 191 -5.53 20.83 -21.10
C THR A 191 -4.84 19.49 -20.80
N PHE A 192 -4.46 19.32 -19.54
CA PHE A 192 -3.83 18.09 -19.14
C PHE A 192 -4.72 17.13 -18.36
N THR A 193 -4.70 15.84 -18.68
CA THR A 193 -5.44 14.78 -18.01
C THR A 193 -4.56 13.52 -18.09
N ILE A 194 -5.04 12.47 -17.47
CA ILE A 194 -4.36 11.24 -17.47
C ILE A 194 -4.25 10.73 -18.92
N LYS A 195 -5.19 11.11 -19.78
CA LYS A 195 -5.13 10.67 -21.19
C LYS A 195 -3.89 11.34 -21.84
N SER A 196 -3.61 12.56 -21.41
CA SER A 196 -2.42 13.27 -21.90
C SER A 196 -1.17 12.48 -21.49
N ASP A 197 -1.20 11.91 -20.29
CA ASP A 197 -0.08 11.10 -19.81
C ASP A 197 0.04 9.86 -20.69
N VAL A 198 -1.09 9.36 -21.17
CA VAL A 198 -1.09 8.17 -22.02
C VAL A 198 -0.35 8.47 -23.31
N TRP A 199 -0.58 9.65 -23.86
CA TRP A 199 0.10 10.07 -25.08
C TRP A 199 1.61 10.06 -24.80
N SER A 200 2.01 10.70 -23.70
CA SER A 200 3.42 10.76 -23.34
C SER A 200 3.97 9.35 -23.18
N PHE A 201 3.16 8.45 -22.64
CA PHE A 201 3.61 7.09 -22.44
C PHE A 201 3.96 6.44 -23.78
N GLY A 202 3.13 6.67 -24.79
CA GLY A 202 3.41 6.12 -26.10
C GLY A 202 4.76 6.59 -26.61
N ILE A 203 5.05 7.87 -26.43
CA ILE A 203 6.32 8.44 -26.85
C ILE A 203 7.45 7.77 -26.06
N LEU A 204 7.21 7.59 -24.77
CA LEU A 204 8.19 6.96 -23.89
C LEU A 204 8.53 5.56 -24.43
N LEU A 205 7.51 4.86 -24.95
CA LEU A 205 7.73 3.54 -25.48
C LEU A 205 8.77 3.56 -26.59
N THR A 206 8.76 4.63 -27.41
CA THR A 206 9.72 4.72 -28.50
C THR A 206 11.13 4.90 -27.92
N GLU A 207 11.22 5.66 -26.84
CA GLU A 207 12.52 5.89 -26.20
C GLU A 207 13.06 4.56 -25.69
N ILE A 208 12.15 3.74 -25.17
CA ILE A 208 12.48 2.44 -24.61
C ILE A 208 12.95 1.42 -25.67
N VAL A 209 12.14 1.22 -26.70
CA VAL A 209 12.50 0.27 -27.77
C VAL A 209 13.75 0.67 -28.55
N THR A 210 14.07 1.96 -28.58
CA THR A 210 15.24 2.45 -29.32
C THR A 210 16.47 2.63 -28.44
N HIS A 211 16.37 2.18 -27.18
CA HIS A 211 17.46 2.31 -26.23
C HIS A 211 17.89 3.77 -26.00
N GLY A 212 16.92 4.67 -25.90
CA GLY A 212 17.22 6.07 -25.65
C GLY A 212 17.31 7.05 -26.81
N ARG A 213 16.72 6.73 -27.96
CA ARG A 213 16.74 7.66 -29.08
C ARG A 213 15.71 8.74 -28.77
N ILE A 214 16.03 9.99 -29.12
CA ILE A 214 15.09 11.07 -28.88
C ILE A 214 13.95 10.83 -29.86
N PRO A 215 12.71 11.16 -29.46
CA PRO A 215 11.57 10.96 -30.36
C PRO A 215 11.61 11.95 -31.51
N TYR A 216 10.98 11.59 -32.63
CA TYR A 216 10.97 12.46 -33.82
C TYR A 216 12.40 12.79 -34.24
N PRO A 217 13.22 11.76 -34.54
CA PRO A 217 14.63 11.92 -34.95
C PRO A 217 14.82 13.04 -35.98
N GLY A 218 15.74 13.95 -35.73
CA GLY A 218 15.99 15.02 -36.68
C GLY A 218 14.84 15.98 -36.95
N MET A 219 13.94 16.12 -35.97
CA MET A 219 12.82 17.03 -36.13
C MET A 219 12.84 18.03 -34.98
N THR A 220 12.77 19.31 -35.29
CA THR A 220 12.78 20.32 -34.26
C THR A 220 11.37 20.46 -33.70
N ASN A 221 11.27 21.02 -32.50
CA ASN A 221 9.98 21.23 -31.85
C ASN A 221 8.97 21.95 -32.73
N PRO A 222 9.40 23.02 -33.44
CA PRO A 222 8.40 23.68 -34.29
C PRO A 222 7.94 22.75 -35.42
N GLU A 223 8.85 21.92 -35.91
CA GLU A 223 8.50 21.00 -36.96
C GLU A 223 7.55 19.92 -36.43
N VAL A 224 7.78 19.48 -35.18
CA VAL A 224 6.89 18.47 -34.59
C VAL A 224 5.47 19.03 -34.47
N ILE A 225 5.31 20.26 -33.97
CA ILE A 225 3.98 20.84 -33.82
C ILE A 225 3.27 21.02 -35.17
N GLN A 226 4.04 21.41 -36.18
CA GLN A 226 3.48 21.61 -37.50
C GLN A 226 3.05 20.28 -38.12
N ASN A 227 3.80 19.22 -37.88
CA ASN A 227 3.44 17.93 -38.41
C ASN A 227 2.24 17.36 -37.65
N LEU A 228 2.17 17.61 -36.34
CA LEU A 228 1.03 17.14 -35.55
C LEU A 228 -0.23 17.84 -36.07
N GLU A 229 -0.08 19.05 -36.59
CA GLU A 229 -1.23 19.78 -37.10
C GLU A 229 -1.86 19.04 -38.28
N ARG A 230 -1.06 18.23 -38.97
CA ARG A 230 -1.58 17.47 -40.09
C ARG A 230 -1.80 15.99 -39.77
N GLY A 231 -1.91 15.68 -38.48
CA GLY A 231 -2.13 14.30 -38.08
C GLY A 231 -0.91 13.39 -38.14
N TYR A 232 0.29 13.96 -38.16
CA TYR A 232 1.52 13.17 -38.23
C TYR A 232 1.74 12.32 -36.98
N ARG A 233 2.33 11.14 -37.18
CA ARG A 233 2.66 10.24 -36.09
C ARG A 233 4.07 9.69 -36.38
N MET A 234 4.85 9.45 -35.33
CA MET A 234 6.20 8.92 -35.49
C MET A 234 6.16 7.61 -36.25
N VAL A 235 7.15 7.42 -37.11
CA VAL A 235 7.26 6.21 -37.90
C VAL A 235 7.67 5.08 -36.97
N ARG A 236 7.32 3.85 -37.30
CA ARG A 236 7.68 2.73 -36.44
C ARG A 236 9.19 2.56 -36.39
N PRO A 237 9.78 2.54 -35.19
CA PRO A 237 11.24 2.37 -35.11
C PRO A 237 11.69 1.06 -35.71
N ASP A 238 12.89 1.06 -36.25
CA ASP A 238 13.44 -0.17 -36.80
C ASP A 238 13.63 -0.99 -35.52
N ASN A 239 13.36 -2.27 -35.64
CA ASN A 239 13.47 -3.25 -34.56
C ASN A 239 12.27 -3.20 -33.62
N CYS A 240 11.29 -2.36 -33.94
CA CYS A 240 10.09 -2.29 -33.10
C CYS A 240 9.03 -3.18 -33.75
N PRO A 241 8.55 -4.21 -33.05
CA PRO A 241 7.52 -5.11 -33.59
C PRO A 241 6.29 -4.31 -33.95
N GLU A 242 5.62 -4.65 -35.05
CA GLU A 242 4.42 -3.96 -35.49
C GLU A 242 3.37 -3.97 -34.39
N GLU A 243 3.33 -5.04 -33.59
CA GLU A 243 2.36 -5.15 -32.53
C GLU A 243 2.59 -4.09 -31.46
N LEU A 244 3.86 -3.85 -31.11
CA LEU A 244 4.17 -2.83 -30.12
C LEU A 244 3.81 -1.46 -30.69
N TYR A 245 4.11 -1.29 -31.98
CA TYR A 245 3.82 -0.03 -32.67
C TYR A 245 2.33 0.32 -32.70
N GLN A 246 1.47 -0.69 -32.82
CA GLN A 246 0.04 -0.40 -32.82
C GLN A 246 -0.37 0.07 -31.41
N LEU A 247 0.31 -0.42 -30.39
CA LEU A 247 0.02 -0.04 -29.01
C LEU A 247 0.31 1.44 -28.87
N MET A 248 1.40 1.88 -29.52
CA MET A 248 1.82 3.26 -29.50
C MET A 248 0.76 4.10 -30.20
N ARG A 249 0.32 3.63 -31.36
CA ARG A 249 -0.68 4.35 -32.14
C ARG A 249 -1.99 4.52 -31.36
N LEU A 250 -2.30 3.58 -30.48
CA LEU A 250 -3.50 3.68 -29.66
C LEU A 250 -3.30 4.82 -28.68
N CYS A 251 -2.09 4.94 -28.15
CA CYS A 251 -1.74 6.00 -27.20
C CYS A 251 -1.81 7.39 -27.81
N TRP A 252 -1.53 7.47 -29.11
CA TRP A 252 -1.52 8.74 -29.82
C TRP A 252 -2.81 9.04 -30.59
N LYS A 253 -3.93 8.44 -30.17
CA LYS A 253 -5.19 8.73 -30.83
C LYS A 253 -5.46 10.22 -30.62
N GLU A 254 -5.98 10.87 -31.64
CA GLU A 254 -6.29 12.29 -31.59
C GLU A 254 -7.24 12.62 -30.43
N ARG A 255 -8.35 11.86 -30.27
CA ARG A 255 -9.32 12.12 -29.19
C ARG A 255 -8.81 11.53 -27.89
N PRO A 256 -8.60 12.37 -26.85
CA PRO A 256 -8.11 11.88 -25.56
C PRO A 256 -8.86 10.66 -25.06
N GLU A 257 -10.20 10.71 -25.15
CA GLU A 257 -11.06 9.62 -24.69
C GLU A 257 -10.85 8.30 -25.41
N ASP A 258 -10.35 8.35 -26.64
CA ASP A 258 -10.13 7.12 -27.40
C ASP A 258 -8.86 6.41 -26.96
N ARG A 259 -7.99 7.10 -26.23
CA ARG A 259 -6.74 6.49 -25.77
C ARG A 259 -7.01 5.51 -24.63
N PRO A 260 -6.23 4.42 -24.56
CA PRO A 260 -6.39 3.40 -23.52
C PRO A 260 -6.07 3.82 -22.09
N THR A 261 -6.43 2.97 -21.15
CA THR A 261 -6.16 3.25 -19.74
C THR A 261 -4.80 2.66 -19.43
N PHE A 262 -4.19 3.10 -18.35
CA PHE A 262 -2.90 2.55 -17.99
C PHE A 262 -3.04 1.12 -17.51
N ASP A 263 -4.22 0.77 -16.99
CA ASP A 263 -4.46 -0.59 -16.52
C ASP A 263 -4.42 -1.52 -17.74
N TYR A 264 -4.91 -1.01 -18.87
CA TYR A 264 -4.91 -1.77 -20.13
C TYR A 264 -3.47 -1.93 -20.59
N LEU A 265 -2.77 -0.80 -20.71
CA LEU A 265 -1.39 -0.78 -21.16
C LEU A 265 -0.50 -1.75 -20.37
N ARG A 266 -0.66 -1.77 -19.06
CA ARG A 266 0.14 -2.67 -18.23
C ARG A 266 -0.18 -4.12 -18.61
N SER A 267 -1.47 -4.42 -18.69
CA SER A 267 -1.92 -5.76 -19.03
C SER A 267 -1.32 -6.30 -20.32
N VAL A 268 -1.36 -5.49 -21.37
CA VAL A 268 -0.82 -5.85 -22.68
C VAL A 268 0.69 -6.03 -22.63
N LEU A 269 1.36 -5.07 -22.01
CA LEU A 269 2.82 -5.14 -21.89
C LEU A 269 3.29 -6.33 -21.09
N GLU A 270 2.67 -6.55 -19.94
CA GLU A 270 2.99 -7.72 -19.16
C GLU A 270 2.77 -9.08 -19.85
N ASP A 271 1.77 -9.17 -20.68
CA ASP A 271 1.46 -10.43 -21.38
C ASP A 271 1.90 -10.28 -22.86
N PHE A 272 2.81 -9.36 -23.14
CA PHE A 272 3.23 -9.14 -24.52
C PHE A 272 3.72 -10.36 -25.31
N PHE A 273 4.61 -11.16 -24.72
CA PHE A 273 5.14 -12.36 -25.40
C PHE A 273 4.49 -13.63 -24.89
N PRO B 7 -9.86 19.17 32.32
CA PRO B 7 -8.77 19.15 33.34
C PRO B 7 -7.44 19.19 32.61
N TRP B 8 -6.46 19.86 33.21
CA TRP B 8 -5.15 19.93 32.59
C TRP B 8 -4.49 18.57 32.39
N TRP B 9 -4.75 17.64 33.29
CA TRP B 9 -4.14 16.32 33.20
C TRP B 9 -4.80 15.22 32.35
N GLU B 10 -6.02 15.44 31.85
CA GLU B 10 -6.68 14.45 31.01
C GLU B 10 -5.93 14.28 29.69
N ASP B 11 -5.74 13.05 29.27
CA ASP B 11 -5.06 12.77 28.00
C ASP B 11 -5.79 13.44 26.84
N GLU B 12 -5.00 13.96 25.92
CA GLU B 12 -5.49 14.59 24.69
C GLU B 12 -5.59 13.48 23.70
N TRP B 13 -6.68 13.44 22.92
CA TRP B 13 -6.82 12.39 21.91
C TRP B 13 -7.65 12.73 20.68
N GLU B 14 -8.11 13.96 20.60
CA GLU B 14 -8.90 14.38 19.45
C GLU B 14 -8.11 15.19 18.45
N VAL B 15 -8.57 15.21 17.20
CA VAL B 15 -7.96 16.01 16.16
C VAL B 15 -9.08 16.55 15.29
N PRO B 16 -8.89 17.72 14.68
CA PRO B 16 -9.93 18.30 13.81
C PRO B 16 -10.13 17.35 12.63
N ARG B 17 -11.37 17.17 12.20
CA ARG B 17 -11.66 16.29 11.09
C ARG B 17 -10.89 16.75 9.86
N GLU B 18 -10.77 18.06 9.72
CA GLU B 18 -10.08 18.67 8.59
C GLU B 18 -8.64 18.22 8.34
N THR B 19 -8.02 17.61 9.35
CA THR B 19 -6.64 17.17 9.23
C THR B 19 -6.55 15.80 8.55
N LEU B 20 -7.70 15.18 8.32
CA LEU B 20 -7.76 13.85 7.73
C LEU B 20 -8.25 13.76 6.29
N LYS B 21 -7.47 13.10 5.43
CA LYS B 21 -7.87 12.90 4.05
C LYS B 21 -8.14 11.42 3.86
N LEU B 22 -9.40 11.06 3.64
CA LEU B 22 -9.76 9.66 3.44
C LEU B 22 -9.60 9.34 1.96
N VAL B 23 -8.69 8.42 1.66
CA VAL B 23 -8.38 8.06 0.28
C VAL B 23 -8.94 6.74 -0.28
N GLU B 24 -8.86 5.66 0.48
CA GLU B 24 -9.36 4.38 -0.02
C GLU B 24 -10.24 3.69 1.02
N ARG B 25 -11.49 3.39 0.66
CA ARG B 25 -12.37 2.69 1.59
C ARG B 25 -11.89 1.27 1.63
N LEU B 26 -11.78 0.70 2.83
CA LEU B 26 -11.31 -0.67 2.98
C LEU B 26 -12.44 -1.62 3.31
N GLY B 27 -13.55 -1.07 3.76
CA GLY B 27 -14.67 -1.91 4.11
C GLY B 27 -15.87 -1.10 4.53
N ALA B 28 -17.00 -1.77 4.67
CA ALA B 28 -18.21 -1.10 5.06
C ALA B 28 -19.16 -2.12 5.64
N GLY B 29 -19.90 -1.68 6.65
CA GLY B 29 -20.86 -2.54 7.26
C GLY B 29 -22.03 -1.68 7.65
N GLN B 30 -22.94 -2.29 8.37
CA GLN B 30 -24.13 -1.60 8.83
C GLN B 30 -23.76 -0.42 9.71
N PHE B 31 -22.71 -0.57 10.51
CA PHE B 31 -22.34 0.51 11.41
C PHE B 31 -21.35 1.58 10.93
N GLY B 32 -20.94 1.52 9.67
CA GLY B 32 -20.02 2.53 9.18
C GLY B 32 -19.07 1.99 8.13
N GLU B 33 -17.92 2.66 8.00
CA GLU B 33 -16.90 2.29 7.03
C GLU B 33 -15.48 2.39 7.60
N VAL B 34 -14.55 1.75 6.92
CA VAL B 34 -13.15 1.77 7.30
C VAL B 34 -12.41 2.31 6.09
N TRP B 35 -11.57 3.30 6.31
CA TRP B 35 -10.80 3.92 5.25
C TRP B 35 -9.30 4.01 5.55
N MET B 36 -8.51 4.09 4.48
CA MET B 36 -7.09 4.30 4.60
C MET B 36 -7.02 5.77 4.29
N GLY B 37 -6.27 6.52 5.09
CA GLY B 37 -6.16 7.94 4.85
C GLY B 37 -4.85 8.54 5.35
N TYR B 38 -4.79 9.87 5.34
CA TYR B 38 -3.59 10.55 5.78
C TYR B 38 -3.92 11.68 6.73
N TYR B 39 -3.09 11.80 7.76
CA TYR B 39 -3.26 12.84 8.75
C TYR B 39 -2.27 13.94 8.43
N ASN B 40 -2.78 15.16 8.27
CA ASN B 40 -1.93 16.30 7.98
C ASN B 40 -0.97 16.04 6.83
N GLY B 41 -1.49 15.40 5.78
CA GLY B 41 -0.72 15.12 4.59
C GLY B 41 0.21 13.93 4.47
N HIS B 42 1.10 13.70 5.43
CA HIS B 42 2.07 12.61 5.30
C HIS B 42 2.05 11.48 6.34
N THR B 43 1.04 11.44 7.19
CA THR B 43 0.97 10.37 8.18
C THR B 43 -0.14 9.43 7.77
N LYS B 44 0.23 8.22 7.33
CA LYS B 44 -0.75 7.24 6.88
C LYS B 44 -1.46 6.65 8.09
N VAL B 45 -2.78 6.55 8.00
CA VAL B 45 -3.59 6.02 9.09
C VAL B 45 -4.80 5.25 8.56
N ALA B 46 -5.47 4.57 9.47
CA ALA B 46 -6.68 3.83 9.15
C ALA B 46 -7.76 4.61 9.89
N VAL B 47 -8.89 4.80 9.24
CA VAL B 47 -9.98 5.56 9.82
C VAL B 47 -11.30 4.83 9.78
N LYS B 48 -11.94 4.78 10.94
CA LYS B 48 -13.25 4.15 11.01
C LYS B 48 -14.25 5.30 11.17
N SER B 49 -15.23 5.37 10.27
CA SER B 49 -16.26 6.40 10.35
C SER B 49 -17.57 5.71 10.68
N LEU B 50 -18.15 6.04 11.82
CA LEU B 50 -19.37 5.40 12.28
C LEU B 50 -20.56 6.30 11.98
N LYS B 51 -21.54 5.76 11.28
CA LYS B 51 -22.73 6.48 10.80
C LYS B 51 -23.65 7.18 11.80
N GLN B 52 -23.76 8.49 11.67
CA GLN B 52 -24.58 9.32 12.56
C GLN B 52 -26.08 9.15 12.44
N GLY B 53 -26.70 8.53 13.44
CA GLY B 53 -28.15 8.36 13.40
C GLY B 53 -28.65 6.96 13.70
N ALA B 59 -21.31 6.22 22.56
CA ALA B 59 -21.72 4.88 22.15
C ALA B 59 -20.63 4.32 21.25
N PHE B 60 -20.30 5.09 20.22
CA PHE B 60 -19.27 4.68 19.28
C PHE B 60 -17.95 5.03 19.95
N LEU B 61 -17.93 6.13 20.71
CA LEU B 61 -16.68 6.52 21.38
C LEU B 61 -16.28 5.51 22.44
N ALA B 62 -17.23 4.66 22.83
CA ALA B 62 -16.95 3.62 23.82
C ALA B 62 -15.93 2.65 23.22
N GLU B 63 -15.93 2.52 21.89
CA GLU B 63 -14.98 1.62 21.23
C GLU B 63 -13.57 2.18 21.45
N ALA B 64 -13.42 3.49 21.27
CA ALA B 64 -12.13 4.14 21.47
C ALA B 64 -11.60 3.95 22.91
N ASN B 65 -12.47 4.12 23.90
CA ASN B 65 -12.04 3.94 25.29
C ASN B 65 -11.60 2.51 25.52
N LEU B 66 -12.36 1.58 24.95
CA LEU B 66 -12.06 0.17 25.09
C LEU B 66 -10.67 -0.13 24.53
N MET B 67 -10.41 0.38 23.33
CA MET B 67 -9.12 0.19 22.68
C MET B 67 -7.98 0.75 23.52
N LYS B 68 -8.17 1.94 24.09
CA LYS B 68 -7.13 2.52 24.93
C LYS B 68 -6.89 1.63 26.14
N GLN B 69 -7.99 1.17 26.75
CA GLN B 69 -7.89 0.33 27.92
C GLN B 69 -7.26 -1.02 27.60
N LEU B 70 -7.39 -1.48 26.35
CA LEU B 70 -6.80 -2.75 25.97
C LEU B 70 -5.46 -2.57 25.28
N GLN B 71 -4.92 -1.35 25.33
CA GLN B 71 -3.65 -1.07 24.70
C GLN B 71 -2.63 -2.20 24.97
N HIS B 72 -2.08 -2.77 23.91
CA HIS B 72 -1.13 -3.87 24.02
C HIS B 72 -0.38 -4.08 22.70
N GLN B 73 0.83 -4.62 22.78
CA GLN B 73 1.64 -4.87 21.58
C GLN B 73 0.92 -5.72 20.53
N ARG B 74 0.03 -6.58 21.01
CA ARG B 74 -0.70 -7.49 20.14
C ARG B 74 -2.11 -7.03 19.74
N LEU B 75 -2.44 -5.77 19.99
CA LEU B 75 -3.75 -5.22 19.63
C LEU B 75 -3.50 -3.98 18.79
N VAL B 76 -4.32 -3.78 17.76
CA VAL B 76 -4.17 -2.62 16.91
C VAL B 76 -4.15 -1.37 17.79
N ARG B 77 -3.19 -0.50 17.54
CA ARG B 77 -2.96 0.73 18.31
C ARG B 77 -3.83 1.96 17.97
N LEU B 78 -4.58 2.43 18.95
CA LEU B 78 -5.43 3.60 18.78
C LEU B 78 -4.55 4.86 18.72
N TYR B 79 -4.87 5.78 17.82
CA TYR B 79 -4.13 7.01 17.69
C TYR B 79 -4.94 8.19 18.19
N ALA B 80 -6.13 8.37 17.60
CA ALA B 80 -6.98 9.48 17.99
C ALA B 80 -8.41 9.31 17.53
N VAL B 81 -9.25 10.29 17.80
CA VAL B 81 -10.65 10.26 17.39
C VAL B 81 -11.09 11.64 16.95
N VAL B 82 -12.28 11.67 16.37
CA VAL B 82 -12.93 12.91 15.97
C VAL B 82 -14.21 12.78 16.79
N THR B 83 -14.48 13.76 17.63
CA THR B 83 -15.63 13.66 18.49
C THR B 83 -16.91 14.22 17.91
N GLN B 84 -16.81 14.88 16.77
CA GLN B 84 -17.98 15.42 16.12
C GLN B 84 -18.55 14.33 15.23
N GLU B 85 -19.86 14.16 15.27
CA GLU B 85 -20.52 13.17 14.45
C GLU B 85 -20.39 13.57 12.97
N PRO B 86 -20.07 12.63 12.08
CA PRO B 86 -19.81 11.20 12.27
C PRO B 86 -18.52 10.99 13.06
N ILE B 87 -18.55 10.10 14.03
CA ILE B 87 -17.39 9.82 14.85
C ILE B 87 -16.30 9.04 14.11
N TYR B 88 -15.05 9.51 14.21
CA TYR B 88 -13.93 8.81 13.59
C TYR B 88 -13.07 8.16 14.68
N ILE B 89 -12.52 6.99 14.36
CA ILE B 89 -11.61 6.31 15.24
C ILE B 89 -10.39 6.11 14.32
N ILE B 90 -9.29 6.75 14.69
CA ILE B 90 -8.06 6.69 13.89
C ILE B 90 -7.01 5.78 14.52
N THR B 91 -6.39 4.94 13.70
CA THR B 91 -5.38 4.01 14.19
C THR B 91 -4.19 3.95 13.25
N GLU B 92 -3.16 3.22 13.68
CA GLU B 92 -1.98 3.01 12.87
C GLU B 92 -2.46 2.23 11.65
N TYR B 93 -1.70 2.30 10.57
CA TYR B 93 -2.05 1.56 9.36
C TYR B 93 -1.10 0.37 9.20
N MET B 94 -1.68 -0.80 9.04
CA MET B 94 -0.89 -2.00 8.86
C MET B 94 -0.79 -2.23 7.35
N GLU B 95 0.42 -2.10 6.78
CA GLU B 95 0.60 -2.26 5.34
C GLU B 95 0.14 -3.58 4.72
N ASN B 96 0.19 -4.65 5.47
CA ASN B 96 -0.18 -5.95 4.94
C ASN B 96 -1.65 -6.32 5.17
N GLY B 97 -2.43 -5.39 5.70
CA GLY B 97 -3.85 -5.63 5.92
C GLY B 97 -4.19 -6.83 6.79
N SER B 98 -5.33 -7.46 6.52
CA SER B 98 -5.78 -8.61 7.28
C SER B 98 -4.95 -9.85 6.97
N LEU B 99 -5.03 -10.81 7.88
CA LEU B 99 -4.29 -12.05 7.74
C LEU B 99 -4.86 -12.97 6.65
N VAL B 100 -6.17 -12.95 6.46
CA VAL B 100 -6.79 -13.77 5.44
C VAL B 100 -6.33 -13.26 4.09
N ASP B 101 -6.10 -11.95 3.99
CA ASP B 101 -5.64 -11.34 2.75
C ASP B 101 -4.18 -11.75 2.57
N PHE B 102 -3.36 -11.41 3.56
CA PHE B 102 -1.93 -11.72 3.55
C PHE B 102 -1.61 -13.19 3.39
N LEU B 103 -2.41 -14.07 3.99
CA LEU B 103 -2.11 -15.49 3.84
C LEU B 103 -2.25 -15.94 2.39
N LYS B 104 -3.00 -15.18 1.62
CA LYS B 104 -3.20 -15.47 0.20
C LYS B 104 -2.04 -14.97 -0.66
N THR B 105 -1.43 -13.85 -0.26
CA THR B 105 -0.35 -13.27 -1.05
C THR B 105 0.66 -14.34 -1.43
N PRO B 106 1.33 -14.18 -2.57
CA PRO B 106 2.34 -15.16 -2.99
C PRO B 106 3.34 -15.27 -1.86
N SER B 107 3.71 -14.12 -1.32
CA SER B 107 4.65 -14.11 -0.21
C SER B 107 3.95 -14.65 1.03
N GLY B 108 2.70 -15.06 0.81
CA GLY B 108 1.88 -15.62 1.86
C GLY B 108 1.87 -17.13 1.73
N ILE B 109 1.84 -17.79 2.88
CA ILE B 109 1.85 -19.25 2.95
C ILE B 109 3.04 -19.81 2.19
N LYS B 110 3.92 -18.90 1.77
CA LYS B 110 5.17 -19.31 1.14
C LYS B 110 5.92 -19.41 2.46
N LEU B 111 5.13 -19.21 3.53
CA LEU B 111 5.55 -19.24 4.92
C LEU B 111 5.49 -20.68 5.43
N THR B 112 6.33 -21.00 6.42
CA THR B 112 6.34 -22.33 6.98
C THR B 112 5.67 -22.39 8.35
N ILE B 113 5.10 -23.57 8.63
CA ILE B 113 4.43 -23.82 9.87
C ILE B 113 5.11 -23.05 11.00
N ASN B 114 6.43 -22.97 10.94
CA ASN B 114 7.22 -22.27 11.94
C ASN B 114 6.73 -20.83 12.09
N LYS B 115 6.65 -20.14 10.96
CA LYS B 115 6.19 -18.75 10.97
C LYS B 115 4.67 -18.73 11.13
N LEU B 116 3.97 -19.56 10.36
CA LEU B 116 2.52 -19.61 10.48
C LEU B 116 2.15 -19.76 11.95
N LEU B 117 2.94 -20.53 12.69
CA LEU B 117 2.64 -20.73 14.10
C LEU B 117 3.06 -19.61 15.04
N ASP B 118 4.11 -18.87 14.70
CA ASP B 118 4.53 -17.77 15.56
C ASP B 118 3.44 -16.72 15.52
N MET B 119 2.77 -16.62 14.38
CA MET B 119 1.68 -15.67 14.20
C MET B 119 0.49 -16.14 15.04
N ALA B 120 0.27 -17.44 15.05
CA ALA B 120 -0.82 -17.99 15.84
C ALA B 120 -0.57 -17.66 17.30
N ALA B 121 0.67 -17.80 17.74
CA ALA B 121 1.01 -17.53 19.13
C ALA B 121 0.87 -16.04 19.49
N GLN B 122 1.07 -15.17 18.51
CA GLN B 122 0.93 -13.73 18.73
C GLN B 122 -0.53 -13.45 19.00
N ILE B 123 -1.38 -14.00 18.15
CA ILE B 123 -2.82 -13.83 18.30
C ILE B 123 -3.22 -14.37 19.67
N ALA B 124 -2.71 -15.55 20.03
CA ALA B 124 -3.03 -16.16 21.33
C ALA B 124 -2.60 -15.27 22.50
N GLU B 125 -1.48 -14.58 22.30
CA GLU B 125 -0.96 -13.67 23.30
C GLU B 125 -1.91 -12.51 23.43
N GLY B 126 -2.40 -12.02 22.30
CA GLY B 126 -3.34 -10.91 22.31
C GLY B 126 -4.59 -11.28 23.08
N MET B 127 -5.19 -12.41 22.72
CA MET B 127 -6.41 -12.88 23.39
C MET B 127 -6.16 -13.17 24.87
N ALA B 128 -4.93 -13.56 25.21
CA ALA B 128 -4.59 -13.85 26.59
C ALA B 128 -4.78 -12.59 27.44
N PHE B 129 -4.43 -11.44 26.84
CA PHE B 129 -4.57 -10.16 27.52
C PHE B 129 -6.05 -9.79 27.57
N ILE B 130 -6.75 -10.01 26.47
CA ILE B 130 -8.18 -9.74 26.44
C ILE B 130 -8.83 -10.54 27.58
N GLU B 131 -8.35 -11.77 27.77
CA GLU B 131 -8.85 -12.65 28.83
C GLU B 131 -8.63 -11.99 30.20
N GLU B 132 -7.41 -11.52 30.40
CA GLU B 132 -7.00 -10.85 31.63
C GLU B 132 -7.94 -9.70 31.98
N ARG B 133 -8.18 -8.85 30.99
CA ARG B 133 -9.01 -7.67 31.15
C ARG B 133 -10.52 -7.93 31.16
N ASN B 134 -10.89 -9.19 31.23
CA ASN B 134 -12.29 -9.60 31.26
C ASN B 134 -13.07 -9.07 30.06
N TYR B 135 -12.43 -9.00 28.91
CA TYR B 135 -13.13 -8.54 27.72
C TYR B 135 -13.53 -9.78 26.94
N ILE B 136 -14.45 -9.60 25.98
CA ILE B 136 -14.92 -10.69 25.14
C ILE B 136 -14.94 -10.17 23.70
N HIS B 137 -14.12 -10.75 22.83
CA HIS B 137 -14.05 -10.30 21.45
C HIS B 137 -15.32 -10.53 20.60
N ARG B 138 -15.76 -11.79 20.60
CA ARG B 138 -16.96 -12.26 19.87
C ARG B 138 -16.84 -12.37 18.34
N ASP B 139 -15.85 -11.74 17.74
CA ASP B 139 -15.71 -11.86 16.28
C ASP B 139 -14.27 -12.20 15.90
N LEU B 140 -13.72 -13.19 16.58
CA LEU B 140 -12.34 -13.62 16.34
C LEU B 140 -12.21 -14.51 15.10
N ARG B 141 -11.60 -13.94 14.06
CA ARG B 141 -11.41 -14.63 12.77
C ARG B 141 -10.25 -13.94 12.07
N ALA B 142 -9.58 -14.68 11.19
CA ALA B 142 -8.43 -14.14 10.47
C ALA B 142 -8.71 -12.81 9.77
N ALA B 143 -9.95 -12.57 9.36
CA ALA B 143 -10.29 -11.32 8.70
C ALA B 143 -10.14 -10.12 9.64
N ASN B 144 -10.22 -10.39 10.94
CA ASN B 144 -10.08 -9.32 11.92
C ASN B 144 -8.67 -9.26 12.52
N ILE B 145 -7.73 -10.00 11.94
CA ILE B 145 -6.35 -9.97 12.42
C ILE B 145 -5.57 -9.13 11.42
N LEU B 146 -4.79 -8.17 11.92
CA LEU B 146 -3.99 -7.30 11.06
C LEU B 146 -2.52 -7.74 11.08
N VAL B 147 -1.84 -7.56 9.96
CA VAL B 147 -0.42 -7.93 9.81
C VAL B 147 0.45 -6.70 9.53
N SER B 148 1.38 -6.43 10.43
CA SER B 148 2.28 -5.29 10.27
C SER B 148 3.20 -5.40 9.07
N ASP B 149 4.12 -4.45 8.97
CA ASP B 149 5.08 -4.43 7.87
C ASP B 149 6.09 -5.51 8.15
N THR B 150 6.31 -5.81 9.43
CA THR B 150 7.25 -6.83 9.84
C THR B 150 6.58 -8.19 10.03
N LEU B 151 5.41 -8.36 9.41
CA LEU B 151 4.69 -9.62 9.50
C LEU B 151 4.31 -10.03 10.92
N SER B 152 4.07 -9.08 11.80
CA SER B 152 3.65 -9.42 13.15
C SER B 152 2.13 -9.28 13.07
N CYS B 153 1.41 -10.02 13.91
CA CYS B 153 -0.05 -9.96 13.88
C CYS B 153 -0.63 -9.17 15.06
N LYS B 154 -1.78 -8.54 14.84
CA LYS B 154 -2.42 -7.80 15.91
C LYS B 154 -3.91 -8.03 15.80
N ILE B 155 -4.56 -8.06 16.95
CA ILE B 155 -5.99 -8.28 17.03
C ILE B 155 -6.75 -6.99 16.77
N ALA B 156 -7.82 -7.09 16.01
CA ALA B 156 -8.66 -5.93 15.71
C ALA B 156 -10.11 -6.39 15.59
N ASP B 157 -11.00 -5.48 15.22
CA ASP B 157 -12.42 -5.81 15.07
C ASP B 157 -13.00 -4.71 14.19
N PHE B 158 -13.28 -5.04 12.93
CA PHE B 158 -13.81 -4.03 12.02
C PHE B 158 -14.76 -4.55 10.95
N GLY B 159 -15.47 -5.63 11.26
CA GLY B 159 -16.43 -6.16 10.31
C GLY B 159 -17.59 -5.17 10.20
N LEU B 160 -17.73 -4.33 11.22
CA LEU B 160 -18.76 -3.30 11.25
C LEU B 160 -20.21 -3.79 11.16
N ALA B 161 -20.47 -4.99 11.65
CA ALA B 161 -21.80 -5.57 11.61
C ALA B 161 -22.49 -5.50 12.96
N ARG B 162 -21.73 -5.18 14.00
CA ARG B 162 -22.31 -5.11 15.34
C ARG B 162 -21.68 -3.99 16.13
N LEU B 163 -22.47 -3.34 16.99
CA LEU B 163 -21.93 -2.28 17.81
C LEU B 163 -21.01 -2.92 18.85
N ILE B 164 -19.86 -2.33 19.09
CA ILE B 164 -18.95 -2.87 20.08
C ILE B 164 -19.42 -2.33 21.43
N GLU B 165 -19.35 -3.17 22.45
CA GLU B 165 -19.77 -2.76 23.79
C GLU B 165 -19.03 -3.66 24.76
N ASP B 166 -18.33 -3.06 25.72
CA ASP B 166 -17.59 -3.83 26.69
C ASP B 166 -18.54 -4.40 27.73
N PRO B 178 -21.29 -14.13 12.69
CA PRO B 178 -19.98 -14.72 12.42
C PRO B 178 -20.13 -16.25 12.52
N ILE B 179 -21.18 -16.73 11.88
CA ILE B 179 -21.58 -18.13 11.87
C ILE B 179 -20.54 -19.24 11.99
N LYS B 180 -19.69 -19.40 10.98
CA LYS B 180 -18.70 -20.48 11.01
C LYS B 180 -17.62 -20.38 12.10
N TRP B 181 -17.49 -19.21 12.69
CA TRP B 181 -16.50 -19.00 13.75
C TRP B 181 -17.13 -18.96 15.15
N THR B 182 -18.45 -19.03 15.21
CA THR B 182 -19.14 -18.90 16.50
C THR B 182 -19.46 -20.22 17.18
N ALA B 183 -19.26 -20.26 18.49
CA ALA B 183 -19.51 -21.47 19.27
C ALA B 183 -20.99 -21.84 19.34
N PRO B 184 -21.29 -23.14 19.38
CA PRO B 184 -22.67 -23.61 19.44
C PRO B 184 -23.54 -22.87 20.47
N GLU B 185 -23.06 -22.77 21.70
CA GLU B 185 -23.82 -22.09 22.75
C GLU B 185 -24.07 -20.62 22.43
N ALA B 186 -23.17 -20.02 21.64
CA ALA B 186 -23.30 -18.62 21.28
C ALA B 186 -24.38 -18.46 20.21
N ILE B 187 -24.35 -19.37 19.26
CA ILE B 187 -25.33 -19.40 18.18
C ILE B 187 -26.67 -19.74 18.78
N ASN B 188 -26.68 -20.71 19.70
CA ASN B 188 -27.92 -21.15 20.31
C ASN B 188 -28.57 -20.24 21.35
N TYR B 189 -27.80 -19.80 22.35
CA TYR B 189 -28.36 -18.96 23.40
C TYR B 189 -27.77 -17.57 23.46
N GLY B 190 -26.87 -17.27 22.53
CA GLY B 190 -26.26 -15.96 22.49
C GLY B 190 -25.36 -15.71 23.68
N THR B 191 -24.87 -16.79 24.29
CA THR B 191 -24.00 -16.65 25.45
C THR B 191 -22.54 -16.64 25.02
N PHE B 192 -22.04 -15.42 24.83
CA PHE B 192 -20.66 -15.23 24.43
C PHE B 192 -19.79 -15.03 25.65
N THR B 193 -18.65 -15.71 25.69
CA THR B 193 -17.72 -15.61 26.80
C THR B 193 -16.34 -15.77 26.23
N ILE B 194 -15.32 -15.72 27.09
CA ILE B 194 -13.95 -15.91 26.64
C ILE B 194 -13.83 -17.32 26.03
N LYS B 195 -14.66 -18.23 26.52
CA LYS B 195 -14.64 -19.60 26.04
C LYS B 195 -15.16 -19.68 24.62
N SER B 196 -16.06 -18.76 24.27
CA SER B 196 -16.61 -18.72 22.92
C SER B 196 -15.50 -18.22 22.00
N ASP B 197 -14.71 -17.27 22.49
CA ASP B 197 -13.60 -16.77 21.69
C ASP B 197 -12.61 -17.92 21.48
N VAL B 198 -12.45 -18.75 22.51
CA VAL B 198 -11.52 -19.88 22.43
C VAL B 198 -11.93 -20.79 21.29
N TRP B 199 -13.24 -21.01 21.15
CA TRP B 199 -13.74 -21.84 20.06
C TRP B 199 -13.41 -21.16 18.73
N SER B 200 -13.60 -19.84 18.69
CA SER B 200 -13.34 -19.08 17.47
C SER B 200 -11.88 -19.17 17.08
N PHE B 201 -11.01 -19.12 18.08
CA PHE B 201 -9.57 -19.21 17.83
C PHE B 201 -9.29 -20.55 17.18
N GLY B 202 -9.87 -21.61 17.72
CA GLY B 202 -9.66 -22.92 17.14
C GLY B 202 -10.00 -22.87 15.67
N ILE B 203 -11.07 -22.16 15.34
CA ILE B 203 -11.48 -22.04 13.94
C ILE B 203 -10.45 -21.18 13.19
N LEU B 204 -10.01 -20.09 13.81
CA LEU B 204 -9.02 -19.21 13.22
C LEU B 204 -7.76 -19.97 12.82
N LEU B 205 -7.37 -20.93 13.66
CA LEU B 205 -6.16 -21.73 13.37
C LEU B 205 -6.26 -22.45 12.04
N THR B 206 -7.47 -22.88 11.69
CA THR B 206 -7.64 -23.61 10.42
C THR B 206 -7.41 -22.67 9.25
N GLU B 207 -7.73 -21.39 9.42
CA GLU B 207 -7.51 -20.42 8.35
C GLU B 207 -6.02 -20.23 8.17
N ILE B 208 -5.28 -20.39 9.26
CA ILE B 208 -3.83 -20.19 9.27
C ILE B 208 -3.05 -21.29 8.56
N VAL B 209 -3.49 -22.53 8.67
CA VAL B 209 -2.78 -23.64 8.03
C VAL B 209 -3.32 -23.88 6.64
N THR B 210 -4.24 -23.03 6.21
CA THR B 210 -4.87 -23.19 4.91
C THR B 210 -4.72 -22.02 3.96
N HIS B 211 -3.91 -21.03 4.34
CA HIS B 211 -3.74 -19.85 3.50
C HIS B 211 -5.07 -19.13 3.50
N GLY B 212 -5.75 -19.19 4.64
CA GLY B 212 -7.03 -18.53 4.77
C GLY B 212 -8.21 -19.22 4.12
N ARG B 213 -8.14 -20.52 3.95
CA ARG B 213 -9.27 -21.22 3.34
C ARG B 213 -10.50 -21.00 4.22
N ILE B 214 -11.68 -20.92 3.61
CA ILE B 214 -12.88 -20.74 4.42
C ILE B 214 -13.07 -22.01 5.23
N PRO B 215 -13.50 -21.89 6.50
CA PRO B 215 -13.71 -23.07 7.35
C PRO B 215 -14.88 -23.92 6.86
N TYR B 216 -14.85 -25.21 7.16
CA TYR B 216 -15.91 -26.12 6.76
C TYR B 216 -16.10 -26.05 5.25
N PRO B 217 -15.04 -26.34 4.48
CA PRO B 217 -15.06 -26.32 3.01
C PRO B 217 -16.42 -26.58 2.38
N ILE B 225 -23.52 -25.02 8.35
CA ILE B 225 -22.74 -25.75 9.35
C ILE B 225 -23.49 -25.83 10.70
N GLN B 226 -24.44 -24.92 10.90
CA GLN B 226 -25.20 -24.89 12.14
C GLN B 226 -25.83 -26.24 12.44
N ASN B 227 -26.39 -26.88 11.42
CA ASN B 227 -27.01 -28.19 11.59
C ASN B 227 -26.04 -29.35 11.88
N LEU B 228 -24.81 -29.28 11.39
CA LEU B 228 -23.86 -30.34 11.72
C LEU B 228 -23.40 -30.09 13.16
N GLU B 229 -23.34 -28.82 13.54
CA GLU B 229 -22.91 -28.52 14.90
C GLU B 229 -23.82 -29.12 15.96
N GLY B 231 -23.13 -33.63 16.59
CA GLY B 231 -22.02 -32.76 16.92
C GLY B 231 -20.77 -32.97 16.07
N TYR B 232 -20.78 -32.44 14.85
CA TYR B 232 -19.68 -32.56 13.89
C TYR B 232 -18.49 -31.63 14.20
N ARG B 233 -17.29 -32.04 13.78
CA ARG B 233 -16.07 -31.25 13.97
C ARG B 233 -15.30 -31.26 12.66
N MET B 234 -14.54 -30.20 12.40
CA MET B 234 -13.77 -30.12 11.16
C MET B 234 -12.73 -31.23 11.06
N VAL B 235 -12.57 -31.78 9.86
CA VAL B 235 -11.55 -32.81 9.64
C VAL B 235 -10.26 -32.02 9.59
N ARG B 236 -9.15 -32.65 9.98
CA ARG B 236 -7.89 -31.94 9.95
C ARG B 236 -7.59 -31.42 8.55
N PRO B 237 -7.02 -30.21 8.45
CA PRO B 237 -6.68 -29.62 7.16
C PRO B 237 -5.43 -30.27 6.56
N ASP B 238 -5.33 -30.27 5.25
CA ASP B 238 -4.18 -30.91 4.59
C ASP B 238 -2.86 -30.22 4.90
N ASN B 239 -2.03 -30.90 5.71
CA ASN B 239 -0.70 -30.43 6.11
C ASN B 239 -0.61 -29.93 7.53
N CYS B 240 -1.73 -29.95 8.24
CA CYS B 240 -1.74 -29.49 9.62
C CYS B 240 -1.23 -30.58 10.56
N PRO B 241 -0.29 -30.24 11.46
CA PRO B 241 0.27 -31.20 12.41
C PRO B 241 -0.76 -31.74 13.40
N GLU B 242 -0.90 -33.06 13.44
CA GLU B 242 -1.85 -33.71 14.34
C GLU B 242 -1.82 -33.08 15.73
N GLU B 243 -0.67 -32.53 16.10
CA GLU B 243 -0.55 -31.89 17.41
C GLU B 243 -1.29 -30.56 17.36
N LEU B 244 -1.36 -29.96 16.17
CA LEU B 244 -2.03 -28.67 15.98
C LEU B 244 -3.52 -28.91 15.74
N TYR B 245 -3.89 -30.17 15.61
CA TYR B 245 -5.28 -30.50 15.41
C TYR B 245 -5.87 -30.76 16.79
N GLN B 246 -5.16 -31.55 17.56
CA GLN B 246 -5.61 -31.87 18.91
C GLN B 246 -5.78 -30.57 19.70
N LEU B 247 -5.15 -29.49 19.24
CA LEU B 247 -5.31 -28.21 19.93
C LEU B 247 -6.68 -27.69 19.50
N MET B 248 -6.92 -27.71 18.20
CA MET B 248 -8.18 -27.24 17.64
C MET B 248 -9.36 -27.98 18.25
N ARG B 249 -9.17 -29.27 18.53
CA ARG B 249 -10.26 -30.07 19.11
C ARG B 249 -10.53 -29.63 20.54
N LEU B 250 -9.49 -29.26 21.27
CA LEU B 250 -9.70 -28.80 22.64
C LEU B 250 -10.41 -27.48 22.55
N CYS B 251 -10.14 -26.73 21.49
CA CYS B 251 -10.79 -25.44 21.29
C CYS B 251 -12.27 -25.72 21.06
N TRP B 252 -12.54 -26.77 20.30
CA TRP B 252 -13.91 -27.11 19.96
C TRP B 252 -14.60 -28.11 20.89
N LYS B 253 -14.34 -28.03 22.20
CA LYS B 253 -15.02 -28.91 23.15
C LYS B 253 -16.43 -28.36 23.35
N GLU B 254 -17.41 -29.25 23.44
CA GLU B 254 -18.80 -28.84 23.63
C GLU B 254 -19.03 -27.98 24.85
N ARG B 255 -18.60 -28.46 26.01
CA ARG B 255 -18.79 -27.69 27.21
C ARG B 255 -17.72 -26.59 27.20
N PRO B 256 -18.16 -25.31 27.23
CA PRO B 256 -17.27 -24.15 27.21
C PRO B 256 -16.18 -24.17 28.28
N GLU B 257 -16.51 -24.60 29.48
CA GLU B 257 -15.54 -24.63 30.57
C GLU B 257 -14.40 -25.61 30.33
N ASP B 258 -14.62 -26.59 29.46
CA ASP B 258 -13.57 -27.57 29.17
C ASP B 258 -12.55 -27.03 28.20
N ARG B 259 -12.89 -25.97 27.49
CA ARG B 259 -11.96 -25.38 26.55
C ARG B 259 -10.82 -24.77 27.37
N PRO B 260 -9.60 -24.75 26.83
CA PRO B 260 -8.40 -24.20 27.49
C PRO B 260 -8.26 -22.68 27.46
N THR B 261 -7.70 -22.10 28.52
CA THR B 261 -7.48 -20.66 28.59
C THR B 261 -6.46 -20.30 27.52
N PHE B 262 -6.57 -19.08 26.98
CA PHE B 262 -5.65 -18.61 25.94
C PHE B 262 -4.20 -18.64 26.44
N ASP B 263 -4.03 -18.42 27.74
CA ASP B 263 -2.70 -18.42 28.35
C ASP B 263 -2.04 -19.74 28.00
N TYR B 264 -2.85 -20.79 27.97
CA TYR B 264 -2.40 -22.13 27.67
C TYR B 264 -2.08 -22.32 26.20
N LEU B 265 -2.94 -21.81 25.34
CA LEU B 265 -2.76 -21.90 23.90
C LEU B 265 -1.51 -21.13 23.49
N ARG B 266 -1.26 -20.03 24.19
CA ARG B 266 -0.11 -19.20 23.89
C ARG B 266 1.20 -20.00 24.10
N SER B 267 1.29 -20.72 25.21
CA SER B 267 2.48 -21.51 25.50
C SER B 267 2.75 -22.63 24.50
N VAL B 268 1.71 -23.39 24.19
CA VAL B 268 1.85 -24.50 23.26
C VAL B 268 2.17 -24.02 21.85
N LEU B 269 1.65 -22.84 21.46
CA LEU B 269 1.90 -22.33 20.12
C LEU B 269 3.32 -21.82 19.97
N GLU B 270 3.87 -21.36 21.08
CA GLU B 270 5.24 -20.83 21.10
C GLU B 270 6.19 -22.02 21.26
N ASP B 271 6.07 -22.73 22.38
CA ASP B 271 6.89 -23.91 22.66
C ASP B 271 6.52 -25.11 21.76
N PHE B 272 6.22 -24.86 20.48
CA PHE B 272 5.80 -25.93 19.56
C PHE B 272 6.87 -26.90 19.05
N PHE B 273 7.93 -26.37 18.46
CA PHE B 273 8.99 -27.20 17.92
C PHE B 273 10.13 -27.50 18.88
N THR B 274 9.96 -27.16 20.15
CA THR B 274 10.99 -27.42 21.16
C THR B 274 11.33 -28.90 21.18
C4 242 C . 17.51 9.81 -7.17
C2 242 C . 16.91 11.04 -7.63
C3 242 C . 17.52 11.70 -8.85
N2 242 C . 18.63 11.11 -9.46
C1 242 C . 19.11 9.97 -8.94
N3 242 C . 18.58 9.33 -7.84
C8 242 C . 15.78 11.61 -7.00
C9 242 C . 15.23 12.82 -7.52
C10 242 C . 15.82 13.49 -8.70
C11 242 C . 16.96 12.96 -9.37
N15 242 C . 20.17 9.43 -9.56
C16 242 C . 14.06 13.44 -6.82
C17 242 C . 12.78 13.25 -7.44
C18 242 C . 11.61 13.81 -6.83
C19 242 C . 11.70 14.59 -5.60
C20 242 C . 12.96 14.80 -4.97
C21 242 C . 14.14 14.22 -5.57
C25 242 C . 15.47 14.46 -4.82
C29 242 C . 10.36 13.57 -7.54
O30 242 C . 10.26 12.70 -8.44
N31 242 C . 9.27 14.32 -7.15
C32 242 C . 7.97 14.15 -7.58
C33 242 C . 7.49 12.85 -8.03
C34 242 C . 6.16 12.68 -8.49
C35 242 C . 5.26 13.84 -8.48
C36 242 C . 5.72 15.15 -8.05
C37 242 C . 7.06 15.28 -7.60
C5 242 C . 5.71 11.27 -8.96
F3 242 C . 4.41 11.22 -8.97
F1 242 C . 6.14 10.36 -8.12
F2 242 C . 6.23 11.02 -10.16
C4 242 D . -5.14 -0.75 10.20
C2 242 D . -6.59 -0.90 10.36
C3 242 D . -7.36 -1.56 9.22
N2 242 D . -6.65 -1.97 8.08
C1 242 D . -5.31 -1.77 8.02
N3 242 D . -4.56 -1.19 9.03
C8 242 D . -7.28 -0.48 11.53
C9 242 D . -8.69 -0.67 11.61
C10 242 D . -9.45 -1.31 10.51
C11 242 D . -8.82 -1.76 9.32
N15 242 D . -4.68 -2.19 6.90
C16 242 D . -9.41 -0.19 12.81
C17 242 D . -9.66 -1.16 13.81
C18 242 D . -10.35 -0.80 14.99
C19 242 D . -10.80 0.55 15.19
C20 242 D . -10.57 1.55 14.21
C21 242 D . -9.86 1.21 13.02
C25 242 D . -9.62 2.35 12.01
C29 242 D . -10.57 -1.85 15.93
O30 242 D . -10.03 -2.98 15.75
N31 242 D . -11.35 -1.55 17.05
C32 242 D . -11.63 -2.44 18.07
C33 242 D . -10.57 -3.26 18.64
C34 242 D . -10.85 -4.21 19.70
C35 242 D . -12.23 -4.28 20.20
C36 242 D . -13.31 -3.47 19.64
C37 242 D . -12.98 -2.55 18.59
C5 242 D . -9.67 -5.08 20.28
F3 242 D . -10.10 -6.04 21.04
F1 242 D . -8.87 -4.33 20.99
F2 242 D . -9.00 -5.62 19.31
#